data_5I7Y
#
_entry.id   5I7Y
#
_cell.length_a   24.636
_cell.length_b   33.955
_cell.length_c   39.489
_cell.angle_alpha   66.860
_cell.angle_beta   74.850
_cell.angle_gamma   73.560
#
_symmetry.space_group_name_H-M   'P 1'
#
loop_
_entity.id
_entity.type
_entity.pdbx_description
1 polymer 'Bromodomain-containing protein 9'
2 non-polymer 3-{6-[(2E)-but-2-en-1-yl]-7-oxo-6,7-dihydro-1H-pyrrolo[2,3-c]pyridin-4-yl}-N,N-dimethylbenzamide
3 water water
#
_entity_poly.entity_id   1
_entity_poly.type   'polypeptide(L)'
_entity_poly.pdbx_seq_one_letter_code
;STPIQQLLEHFLRQLQRKDPHGFFAFPVTDAIAPGYSMIIKHPMDFGTMKDKIVANEYKSVTEFKADFKLMCDNAMTYNR
PDTVYYKLAKKILHAGFKMMS
;
_entity_poly.pdbx_strand_id   A
#
loop_
_chem_comp.id
_chem_comp.type
_chem_comp.name
_chem_comp.formula
69G non-polymer 3-{6-[(2E)-but-2-en-1-yl]-7-oxo-6,7-dihydro-1H-pyrrolo[2,3-c]pyridin-4-yl}-N,N-dimethylbenzamide 'C20 H21 N3 O2'
#
# COMPACT_ATOMS: atom_id res chain seq x y z
N SER A 1 14.77 -4.14 13.65
CA SER A 1 15.19 -4.72 14.92
C SER A 1 14.56 -6.08 15.16
N THR A 2 13.27 -6.08 15.50
CA THR A 2 12.59 -7.32 15.88
C THR A 2 12.40 -8.21 14.65
N PRO A 3 12.16 -9.51 14.87
CA PRO A 3 11.94 -10.41 13.73
C PRO A 3 10.83 -9.93 12.80
N ILE A 4 9.68 -9.56 13.35
CA ILE A 4 8.59 -9.09 12.49
C ILE A 4 9.00 -7.84 11.73
N GLN A 5 9.71 -6.92 12.38
CA GLN A 5 10.14 -5.73 11.66
C GLN A 5 11.03 -6.10 10.47
N GLN A 6 11.98 -7.03 10.69
CA GLN A 6 12.86 -7.42 9.60
C GLN A 6 12.07 -8.05 8.45
N LEU A 7 11.10 -8.91 8.77
CA LEU A 7 10.30 -9.55 7.72
C LEU A 7 9.46 -8.54 6.97
N LEU A 8 8.81 -7.63 7.70
CA LEU A 8 7.96 -6.65 7.03
C LEU A 8 8.78 -5.68 6.18
N GLU A 9 9.98 -5.31 6.62
CA GLU A 9 10.84 -4.47 5.78
C GLU A 9 11.19 -5.19 4.49
N HIS A 10 11.45 -6.50 4.58
CA HIS A 10 11.73 -7.29 3.39
C HIS A 10 10.53 -7.29 2.45
N PHE A 11 9.34 -7.60 2.96
CA PHE A 11 8.14 -7.59 2.15
C PHE A 11 7.94 -6.21 1.52
N LEU A 12 8.10 -5.16 2.32
CA LEU A 12 7.88 -3.81 1.81
C LEU A 12 8.83 -3.48 0.66
N ARG A 13 10.11 -3.85 0.80
CA ARG A 13 11.06 -3.62 -0.30
C ARG A 13 10.61 -4.32 -1.58
N GLN A 14 10.14 -5.56 -1.46
CA GLN A 14 9.72 -6.30 -2.64
C GLN A 14 8.46 -5.69 -3.23
N LEU A 15 7.54 -5.24 -2.38
CA LEU A 15 6.31 -4.63 -2.91
C LEU A 15 6.61 -3.32 -3.63
N GLN A 16 7.47 -2.49 -3.05
CA GLN A 16 7.75 -1.19 -3.67
C GLN A 16 8.43 -1.36 -5.01
N ARG A 17 9.16 -2.47 -5.20
CA ARG A 17 9.79 -2.71 -6.50
C ARG A 17 8.76 -2.86 -7.61
N LYS A 18 7.54 -3.25 -7.27
CA LYS A 18 6.46 -3.42 -8.23
C LYS A 18 5.77 -2.11 -8.58
N ASP A 19 6.19 -1.00 -7.97
CA ASP A 19 5.60 0.32 -8.17
C ASP A 19 6.74 1.27 -8.52
N PRO A 20 7.34 1.11 -9.72
CA PRO A 20 8.53 1.91 -10.04
C PRO A 20 8.25 3.41 -10.17
N HIS A 21 7.00 3.80 -10.44
CA HIS A 21 6.67 5.23 -10.47
C HIS A 21 6.45 5.80 -9.10
N GLY A 22 6.35 4.96 -8.08
CA GLY A 22 6.07 5.44 -6.74
C GLY A 22 4.70 6.05 -6.56
N PHE A 23 3.70 5.61 -7.36
CA PHE A 23 2.33 6.10 -7.14
C PHE A 23 1.86 5.79 -5.73
N PHE A 24 2.31 4.67 -5.16
CA PHE A 24 1.93 4.25 -3.81
C PHE A 24 2.89 4.76 -2.73
N ALA A 25 3.85 5.63 -3.08
CA ALA A 25 4.96 5.89 -2.16
C ALA A 25 4.56 6.80 -1.00
N PHE A 26 3.64 7.73 -1.23
CA PHE A 26 3.31 8.75 -0.24
C PHE A 26 1.81 8.94 -0.20
N PRO A 27 1.29 9.52 0.89
CA PRO A 27 -0.16 9.78 0.93
C PRO A 27 -0.64 10.57 -0.26
N VAL A 28 -1.79 10.17 -0.81
CA VAL A 28 -2.38 10.86 -1.95
C VAL A 28 -2.94 12.19 -1.50
N THR A 29 -2.60 13.26 -2.20
CA THR A 29 -3.13 14.59 -1.88
C THR A 29 -4.38 14.89 -2.70
N ASP A 30 -5.26 15.71 -2.12
CA ASP A 30 -6.44 16.15 -2.87
C ASP A 30 -6.03 16.97 -4.08
N ALA A 31 -4.89 17.65 -4.04
CA ALA A 31 -4.43 18.41 -5.20
C ALA A 31 -4.16 17.51 -6.38
N ILE A 32 -3.52 16.36 -6.14
CA ILE A 32 -3.25 15.42 -7.23
C ILE A 32 -4.51 14.65 -7.61
N ALA A 33 -5.40 14.41 -6.65
CA ALA A 33 -6.57 13.57 -6.87
C ALA A 33 -7.77 14.28 -6.25
N PRO A 34 -8.42 15.16 -7.01
CA PRO A 34 -9.49 16.00 -6.43
C PRO A 34 -10.55 15.16 -5.75
N GLY A 35 -10.93 15.60 -4.54
CA GLY A 35 -11.94 14.93 -3.76
C GLY A 35 -11.50 13.67 -3.05
N TYR A 36 -10.20 13.34 -3.10
CA TYR A 36 -9.72 12.08 -2.55
C TYR A 36 -10.14 11.90 -1.10
N SER A 37 -9.82 12.88 -0.24
CA SER A 37 -10.08 12.73 1.18
C SER A 37 -11.57 12.65 1.49
N MET A 38 -12.42 13.07 0.56
CA MET A 38 -13.86 12.94 0.77
C MET A 38 -14.40 11.59 0.31
N ILE A 39 -13.62 10.84 -0.46
CA ILE A 39 -14.03 9.56 -0.99
C ILE A 39 -13.39 8.40 -0.22
N ILE A 40 -12.14 8.57 0.20
CA ILE A 40 -11.36 7.51 0.83
C ILE A 40 -11.30 7.81 2.32
N LYS A 41 -11.99 6.99 3.13
CA LYS A 41 -12.07 7.27 4.56
C LYS A 41 -10.82 6.83 5.31
N HIS A 42 -10.09 5.83 4.82
CA HIS A 42 -8.92 5.28 5.51
C HIS A 42 -7.75 5.21 4.53
N PRO A 43 -7.10 6.34 4.29
CA PRO A 43 -5.96 6.35 3.35
C PRO A 43 -4.80 5.51 3.85
N MET A 44 -4.03 4.97 2.90
CA MET A 44 -2.87 4.18 3.25
C MET A 44 -1.90 4.25 2.08
N ASP A 45 -0.61 4.11 2.37
CA ASP A 45 0.44 4.20 1.35
C ASP A 45 1.70 3.55 1.91
N PHE A 46 2.63 3.22 1.00
CA PHE A 46 3.87 2.55 1.40
C PHE A 46 4.68 3.36 2.42
N GLY A 47 4.71 4.69 2.29
CA GLY A 47 5.46 5.49 3.24
C GLY A 47 4.89 5.38 4.66
N THR A 48 3.57 5.48 4.78
CA THR A 48 2.92 5.27 6.06
C THR A 48 3.20 3.86 6.60
N MET A 49 3.16 2.85 5.73
CA MET A 49 3.47 1.49 6.16
C MET A 49 4.91 1.37 6.67
N LYS A 50 5.85 2.02 5.98
CA LYS A 50 7.23 2.05 6.46
C LYS A 50 7.31 2.67 7.86
N ASP A 51 6.65 3.81 8.04
CA ASP A 51 6.68 4.47 9.36
C ASP A 51 6.09 3.55 10.42
N LYS A 52 5.04 2.79 10.07
CA LYS A 52 4.43 1.90 11.06
C LYS A 52 5.37 0.73 11.40
N ILE A 53 6.11 0.22 10.41
CA ILE A 53 7.14 -0.78 10.72
C ILE A 53 8.17 -0.20 11.68
N VAL A 54 8.72 0.96 11.33
CA VAL A 54 9.78 1.57 12.15
C VAL A 54 9.30 1.78 13.57
N ALA A 55 8.04 2.22 13.73
CA ALA A 55 7.47 2.43 15.05
C ALA A 55 7.07 1.14 15.74
N ASN A 56 7.25 0.00 15.05
CA ASN A 56 6.90 -1.33 15.58
C ASN A 56 5.41 -1.45 15.87
N GLU A 57 4.58 -0.86 15.01
CA GLU A 57 3.13 -0.89 15.19
C GLU A 57 2.47 -2.12 14.60
N TYR A 58 3.13 -2.84 13.70
CA TYR A 58 2.60 -4.11 13.22
C TYR A 58 3.07 -5.21 14.16
N LYS A 59 2.13 -6.04 14.62
CA LYS A 59 2.47 -7.19 15.46
C LYS A 59 2.23 -8.52 14.76
N SER A 60 1.73 -8.50 13.52
CA SER A 60 1.52 -9.73 12.76
C SER A 60 1.63 -9.41 11.27
N VAL A 61 1.97 -10.43 10.50
CA VAL A 61 1.94 -10.29 9.04
C VAL A 61 0.52 -9.99 8.57
N THR A 62 -0.48 -10.57 9.23
CA THR A 62 -1.87 -10.31 8.88
C THR A 62 -2.19 -8.81 8.91
N GLU A 63 -1.72 -8.11 9.95
CA GLU A 63 -1.98 -6.67 10.02
C GLU A 63 -1.32 -5.91 8.88
N PHE A 64 -0.09 -6.26 8.55
CA PHE A 64 0.61 -5.62 7.44
C PHE A 64 -0.13 -5.88 6.13
N LYS A 65 -0.54 -7.14 5.90
CA LYS A 65 -1.30 -7.49 4.71
C LYS A 65 -2.59 -6.71 4.63
N ALA A 66 -3.23 -6.45 5.77
CA ALA A 66 -4.48 -5.69 5.74
C ALA A 66 -4.22 -4.25 5.28
N ASP A 67 -3.14 -3.64 5.74
CA ASP A 67 -2.83 -2.29 5.28
C ASP A 67 -2.49 -2.28 3.81
N PHE A 68 -1.75 -3.28 3.34
CA PHE A 68 -1.43 -3.36 1.91
C PHE A 68 -2.70 -3.49 1.08
N LYS A 69 -3.63 -4.35 1.51
CA LYS A 69 -4.89 -4.52 0.79
C LYS A 69 -5.72 -3.24 0.84
N LEU A 70 -5.73 -2.57 1.99
CA LEU A 70 -6.45 -1.30 2.08
C LEU A 70 -5.92 -0.31 1.06
N MET A 71 -4.59 -0.22 0.93
CA MET A 71 -3.97 0.70 -0.01
C MET A 71 -4.42 0.40 -1.43
N CYS A 72 -4.39 -0.88 -1.82
CA CYS A 72 -4.82 -1.26 -3.16
C CYS A 72 -6.32 -1.04 -3.34
N ASP A 73 -7.13 -1.41 -2.35
CA ASP A 73 -8.57 -1.21 -2.45
C ASP A 73 -8.91 0.27 -2.62
N ASN A 74 -8.19 1.14 -1.90
CA ASN A 74 -8.41 2.58 -2.08
C ASN A 74 -8.19 3.00 -3.52
N ALA A 75 -7.13 2.49 -4.16
CA ALA A 75 -6.84 2.87 -5.54
C ALA A 75 -7.90 2.34 -6.48
N MET A 76 -8.47 1.17 -6.17
CA MET A 76 -9.55 0.61 -6.99
C MET A 76 -10.90 1.19 -6.64
N THR A 77 -11.00 2.00 -5.58
CA THR A 77 -12.24 2.68 -5.28
C THR A 77 -12.28 4.07 -5.91
N TYR A 78 -11.18 4.81 -5.78
CA TYR A 78 -11.15 6.19 -6.26
C TYR A 78 -11.00 6.27 -7.77
N ASN A 79 -10.20 5.39 -8.36
CA ASN A 79 -9.87 5.45 -9.77
C ASN A 79 -10.77 4.51 -10.58
N ARG A 80 -11.05 4.92 -11.82
CA ARG A 80 -11.85 4.10 -12.71
C ARG A 80 -11.04 2.92 -13.23
N PRO A 81 -11.71 1.83 -13.62
CA PRO A 81 -10.99 0.61 -14.01
C PRO A 81 -10.07 0.77 -15.21
N ASP A 82 -10.29 1.75 -16.08
CA ASP A 82 -9.46 1.89 -17.27
C ASP A 82 -8.17 2.69 -17.02
N THR A 83 -7.91 3.11 -15.79
CA THR A 83 -6.74 3.92 -15.50
C THR A 83 -5.53 3.06 -15.17
N VAL A 84 -4.34 3.60 -15.42
CA VAL A 84 -3.11 2.90 -15.03
C VAL A 84 -3.12 2.62 -13.53
N TYR A 85 -3.66 3.56 -12.75
CA TYR A 85 -3.68 3.41 -11.29
C TYR A 85 -4.47 2.19 -10.87
N TYR A 86 -5.71 2.08 -11.37
CA TYR A 86 -6.55 0.92 -11.04
C TYR A 86 -5.87 -0.37 -11.49
N LYS A 87 -5.34 -0.39 -12.71
CA LYS A 87 -4.71 -1.59 -13.23
C LYS A 87 -3.49 -1.98 -12.39
N LEU A 88 -2.70 -1.00 -11.98
CA LEU A 88 -1.53 -1.30 -11.15
C LEU A 88 -1.96 -1.83 -9.80
N ALA A 89 -2.96 -1.21 -9.20
CA ALA A 89 -3.40 -1.64 -7.87
C ALA A 89 -3.88 -3.08 -7.88
N LYS A 90 -4.65 -3.47 -8.91
CA LYS A 90 -5.14 -4.83 -8.97
C LYS A 90 -3.99 -5.81 -9.16
N LYS A 91 -3.05 -5.46 -10.05
CA LYS A 91 -1.92 -6.34 -10.33
C LYS A 91 -1.07 -6.53 -9.09
N ILE A 92 -0.71 -5.42 -8.43
CA ILE A 92 0.16 -5.49 -7.26
C ILE A 92 -0.53 -6.15 -6.09
N LEU A 93 -1.86 -5.98 -5.95
CA LEU A 93 -2.57 -6.65 -4.87
C LEU A 93 -2.40 -8.16 -4.96
N HIS A 94 -2.68 -8.74 -6.13
CA HIS A 94 -2.55 -10.18 -6.28
C HIS A 94 -1.09 -10.63 -6.19
N ALA A 95 -0.16 -9.93 -6.85
CA ALA A 95 1.24 -10.34 -6.80
C ALA A 95 1.79 -10.23 -5.39
N GLY A 96 1.40 -9.19 -4.67
CA GLY A 96 1.89 -9.00 -3.31
C GLY A 96 1.40 -10.08 -2.37
N PHE A 97 0.12 -10.43 -2.45
CA PHE A 97 -0.41 -11.49 -1.60
C PHE A 97 0.21 -12.85 -1.95
N LYS A 98 0.45 -13.11 -3.23
CA LYS A 98 1.18 -14.32 -3.58
C LYS A 98 2.59 -14.29 -3.00
N MET A 99 3.29 -13.17 -3.20
CA MET A 99 4.67 -13.03 -2.72
C MET A 99 4.75 -13.25 -1.22
N MET A 100 3.75 -12.77 -0.47
CA MET A 100 3.66 -12.99 0.96
C MET A 100 3.02 -14.33 1.30
N SER A 101 3.04 -15.28 0.37
CA SER A 101 2.39 -16.59 0.51
C SER A 101 0.86 -16.51 0.47
C4 69G B . -2.50 6.09 -5.36
C14 69G B . -3.94 7.38 -6.84
C6 69G B . -1.63 7.95 -6.67
C7 69G B . -1.73 8.99 -7.55
C8 69G B . -3.06 9.25 -8.14
C9 69G B . -3.56 10.19 -9.06
C10 69G B . -4.88 9.94 -9.21
C13 69G B . -4.14 8.42 -7.76
C3 69G B . -2.11 4.82 -6.08
C1 69G B . -1.71 3.49 -8.09
C2 69G B . -2.09 4.77 -7.40
N5 69G B . -2.70 7.18 -6.32
N11 69G B . -5.24 8.87 -8.44
O15 69G B . -4.87 6.66 -6.50
C16 69G B . -0.54 9.80 -7.94
C17 69G B . 0.39 10.18 -6.96
C18 69G B . 1.49 10.92 -7.30
C19 69G B . 1.72 11.29 -8.63
C20 69G B . 0.81 10.91 -9.61
C21 69G B . -0.31 10.15 -9.26
C22 69G B . 1.03 11.31 -11.03
O23 69G B . 2.02 10.94 -11.63
N24 69G B . 0.16 12.12 -11.67
C25 69G B . 0.41 12.51 -13.06
C26 69G B . -1.04 12.62 -10.99
H12 69G B . -6.14 8.50 -8.38
#